data_5T9C
#
_entry.id   5T9C
#
_cell.length_a   47.101
_cell.length_b   58.24
_cell.length_c   87.565
_cell.angle_alpha   90.0
_cell.angle_beta   90.0
_cell.angle_gamma   90.0
#
_symmetry.space_group_name_H-M   'P 21 21 21'
#
loop_
_entity.id
_entity.type
_entity.pdbx_description
1 polymer 'Glycerophosphoryl diester phosphodiesterase'
2 non-polymer 'CALCIUM ION'
3 non-polymer SN-GLYCEROL-3-PHOSPHATE
4 non-polymer 'PHOSPHATE ION'
5 non-polymer 'SODIUM ION'
6 water water
#
_entity_poly.entity_id   1
_entity_poly.type   'polypeptide(L)'
_entity_poly.pdbx_seq_one_letter_code
;GASKGNLLSPDRILTVAHRGASGYVPEHTILSYETAQKMKADFIELDLQMTKDGKLIVMHDEKLDRTTNGMGWVKDHTLA
DIKKLDAGSWFNEAYPEKAKPQYVGLKVPTLEEVLDRFGKHANYYIETKSPDTYPGMEEKLIASLQKHKLLGKHSKPGQV
IIQSFSKESLVKVHQLQPNLPTVQLLEAKQMASMTDAALEEIKTYAVGAGPDYKALNQENVRMIRSHGLLLHPYTVNNEA
DMHRLLDWGVTGVFTNYPDLFHKVKKGY
;
_entity_poly.pdbx_strand_id   E
#
# COMPACT_ATOMS: atom_id res chain seq x y z
N ASN A 6 13.63 3.02 -14.07
CA ASN A 6 13.44 3.75 -12.82
C ASN A 6 12.00 3.65 -12.33
N LEU A 7 11.83 3.11 -11.12
CA LEU A 7 10.51 2.87 -10.56
C LEU A 7 9.68 4.15 -10.42
N LEU A 8 10.35 5.29 -10.30
CA LEU A 8 9.65 6.55 -10.06
C LEU A 8 9.47 7.38 -11.32
N SER A 9 9.80 6.81 -12.47
CA SER A 9 9.64 7.48 -13.74
C SER A 9 8.16 7.60 -14.13
N PRO A 10 7.74 8.79 -14.58
CA PRO A 10 6.37 9.00 -15.05
C PRO A 10 6.05 8.14 -16.27
N ASP A 11 7.09 7.66 -16.93
CA ASP A 11 6.96 6.84 -18.13
C ASP A 11 6.74 5.37 -17.80
N ARG A 12 6.89 5.02 -16.52
CA ARG A 12 6.69 3.64 -16.11
C ARG A 12 5.32 3.44 -15.45
N ILE A 13 4.62 2.39 -15.84
CA ILE A 13 3.32 2.06 -15.24
C ILE A 13 3.48 1.00 -14.17
N LEU A 14 3.09 1.34 -12.95
CA LEU A 14 3.30 0.47 -11.81
C LEU A 14 2.07 -0.33 -11.42
N THR A 15 2.28 -1.63 -11.27
CA THR A 15 1.28 -2.52 -10.70
C THR A 15 1.46 -2.60 -9.20
N VAL A 16 0.53 -2.04 -8.44
CA VAL A 16 0.62 -2.11 -6.99
C VAL A 16 -0.42 -3.11 -6.49
N ALA A 17 0.05 -4.21 -5.91
CA ALA A 17 -0.84 -5.28 -5.46
C ALA A 17 -1.40 -4.92 -4.08
N HIS A 18 -2.63 -4.44 -4.12
CA HIS A 18 -3.39 -3.96 -2.95
C HIS A 18 -3.55 -5.03 -1.89
N ARG A 19 -2.82 -4.90 -0.77
CA ARG A 19 -2.80 -5.90 0.30
C ARG A 19 -2.33 -7.25 -0.24
N GLY A 20 -1.44 -7.21 -1.24
CA GLY A 20 -1.00 -8.40 -1.96
C GLY A 20 -1.93 -8.75 -3.10
N ALA A 21 -1.94 -10.02 -3.49
CA ALA A 21 -2.93 -10.50 -4.47
C ALA A 21 -4.24 -10.81 -3.76
N SER A 22 -4.85 -9.77 -3.18
CA SER A 22 -5.93 -9.96 -2.20
C SER A 22 -7.25 -10.35 -2.82
N GLY A 23 -7.34 -10.29 -4.15
CA GLY A 23 -8.55 -10.77 -4.83
C GLY A 23 -8.60 -12.29 -4.84
N TYR A 24 -7.47 -12.92 -4.54
CA TYR A 24 -7.35 -14.39 -4.59
C TYR A 24 -6.94 -15.03 -3.27
N VAL A 25 -6.29 -14.26 -2.40
CA VAL A 25 -5.62 -14.75 -1.19
C VAL A 25 -5.96 -13.79 -0.05
N PRO A 26 -6.10 -14.28 1.20
CA PRO A 26 -6.41 -13.34 2.30
C PRO A 26 -5.43 -12.17 2.37
N GLU A 27 -5.98 -10.97 2.42
CA GLU A 27 -5.19 -9.75 2.44
C GLU A 27 -4.12 -9.77 3.52
N HIS A 28 -2.98 -9.16 3.20
CA HIS A 28 -1.92 -8.90 4.18
C HIS A 28 -1.46 -10.17 4.88
N THR A 29 -1.28 -11.23 4.11
CA THR A 29 -0.60 -12.43 4.59
C THR A 29 0.63 -12.64 3.74
N ILE A 30 1.64 -13.32 4.28
CA ILE A 30 2.83 -13.60 3.48
C ILE A 30 2.43 -14.29 2.16
N LEU A 31 1.46 -15.19 2.23
CA LEU A 31 1.03 -15.90 1.03
C LEU A 31 0.41 -14.94 -0.01
N SER A 32 -0.32 -13.93 0.45
CA SER A 32 -0.87 -12.94 -0.48
C SER A 32 0.25 -12.18 -1.19
N TYR A 33 1.28 -11.81 -0.45
CA TYR A 33 2.41 -11.10 -1.06
C TYR A 33 3.22 -12.01 -2.01
N GLU A 34 3.42 -13.28 -1.62
CA GLU A 34 4.13 -14.23 -2.47
C GLU A 34 3.40 -14.41 -3.78
N THR A 35 2.07 -14.47 -3.70
CA THR A 35 1.24 -14.62 -4.89
C THR A 35 1.34 -13.39 -5.79
N ALA A 36 1.31 -12.20 -5.19
CA ALA A 36 1.51 -10.96 -5.95
C ALA A 36 2.86 -10.95 -6.67
N GLN A 37 3.91 -11.41 -5.98
CA GLN A 37 5.25 -11.47 -6.56
C GLN A 37 5.25 -12.36 -7.79
N LYS A 38 4.67 -13.55 -7.66
CA LYS A 38 4.61 -14.50 -8.77
C LYS A 38 3.77 -13.95 -9.94
N MET A 39 2.84 -13.06 -9.63
CA MET A 39 2.00 -12.43 -10.65
C MET A 39 2.62 -11.16 -11.23
N LYS A 40 3.89 -10.92 -10.89
CA LYS A 40 4.72 -9.86 -11.48
C LYS A 40 4.30 -8.46 -11.03
N ALA A 41 3.71 -8.35 -9.85
CA ALA A 41 3.43 -7.04 -9.27
C ALA A 41 4.73 -6.27 -9.14
N ASP A 42 4.69 -4.96 -9.38
CA ASP A 42 5.86 -4.12 -9.15
C ASP A 42 6.04 -3.87 -7.66
N PHE A 43 4.91 -3.67 -6.98
CA PHE A 43 4.92 -3.41 -5.53
C PHE A 43 3.97 -4.33 -4.80
N ILE A 44 4.35 -4.75 -3.60
CA ILE A 44 3.40 -5.30 -2.65
C ILE A 44 3.01 -4.19 -1.68
N GLU A 45 1.72 -4.10 -1.38
CA GLU A 45 1.19 -2.99 -0.60
C GLU A 45 0.81 -3.41 0.81
N LEU A 46 1.35 -2.67 1.79
CA LEU A 46 1.17 -2.96 3.20
C LEU A 46 0.43 -1.83 3.90
N ASP A 47 -0.46 -2.17 4.83
CA ASP A 47 -1.06 -1.20 5.75
C ASP A 47 -0.51 -1.49 7.15
N LEU A 48 -0.05 -0.47 7.86
CA LEU A 48 0.59 -0.71 9.17
C LEU A 48 -0.29 -0.34 10.37
N GLN A 49 -0.35 -1.25 11.32
CA GLN A 49 -0.86 -0.98 12.67
C GLN A 49 0.27 -1.23 13.67
N MET A 50 0.02 -1.00 14.95
CA MET A 50 1.04 -1.22 15.97
C MET A 50 0.46 -1.94 17.18
N THR A 51 1.20 -2.93 17.68
CA THR A 51 0.75 -3.73 18.81
C THR A 51 0.91 -3.01 20.15
N LYS A 52 0.35 -3.60 21.20
CA LYS A 52 0.47 -3.04 22.54
C LYS A 52 1.94 -2.92 22.97
N ASP A 53 2.77 -3.89 22.58
CA ASP A 53 4.17 -3.81 22.94
C ASP A 53 5.01 -3.11 21.86
N GLY A 54 4.33 -2.37 20.99
CA GLY A 54 5.00 -1.42 20.12
C GLY A 54 5.47 -1.93 18.77
N LYS A 55 5.05 -3.14 18.42
CA LYS A 55 5.51 -3.79 17.18
C LYS A 55 4.67 -3.41 15.96
N LEU A 56 5.33 -3.01 14.88
CA LEU A 56 4.58 -2.73 13.65
C LEU A 56 4.15 -4.03 13.00
N ILE A 57 2.85 -4.14 12.73
CA ILE A 57 2.30 -5.30 12.04
C ILE A 57 1.52 -4.83 10.82
N VAL A 58 1.24 -5.77 9.92
CA VAL A 58 0.51 -5.43 8.71
C VAL A 58 -0.94 -5.83 8.85
N MET A 59 -1.82 -4.83 8.86
CA MET A 59 -3.25 -5.08 8.91
C MET A 59 -3.98 -3.82 8.49
N HIS A 60 -5.05 -3.96 7.71
CA HIS A 60 -5.72 -2.76 7.21
C HIS A 60 -6.49 -2.02 8.29
N ASP A 61 -7.33 -2.74 9.02
CA ASP A 61 -8.17 -2.13 10.06
C ASP A 61 -7.39 -1.91 11.34
N GLU A 62 -7.81 -0.92 12.12
CA GLU A 62 -7.23 -0.68 13.45
C GLU A 62 -7.66 -1.76 14.43
N LYS A 63 -8.74 -2.46 14.09
CA LYS A 63 -9.27 -3.54 14.93
C LYS A 63 -9.03 -4.90 14.29
N LEU A 64 -8.94 -5.91 15.13
CA LEU A 64 -8.65 -7.29 14.71
C LEU A 64 -9.85 -8.00 14.10
N ASP A 65 -11.04 -7.45 14.33
CA ASP A 65 -12.28 -8.21 14.16
C ASP A 65 -12.55 -8.74 12.76
N ARG A 66 -12.30 -7.94 11.73
CA ARG A 66 -12.70 -8.32 10.38
C ARG A 66 -11.86 -9.47 9.80
N THR A 67 -10.54 -9.40 9.95
CA THR A 67 -9.66 -10.33 9.25
C THR A 67 -9.00 -11.36 10.16
N THR A 68 -9.40 -11.43 11.43
CA THR A 68 -8.92 -12.47 12.32
C THR A 68 -10.05 -13.03 13.18
N ASN A 69 -9.74 -14.06 13.95
CA ASN A 69 -10.69 -14.57 14.93
C ASN A 69 -10.48 -13.91 16.30
N GLY A 70 -9.82 -12.76 16.31
CA GLY A 70 -9.65 -11.98 17.52
C GLY A 70 -10.61 -10.79 17.53
N MET A 71 -10.66 -10.09 18.65
CA MET A 71 -11.54 -8.93 18.79
C MET A 71 -10.79 -7.76 19.43
N GLY A 72 -11.08 -6.56 18.98
CA GLY A 72 -10.57 -5.38 19.64
C GLY A 72 -9.46 -4.71 18.87
N TRP A 73 -8.95 -3.64 19.43
CA TRP A 73 -7.92 -2.86 18.77
C TRP A 73 -6.59 -3.59 18.78
N VAL A 74 -5.87 -3.54 17.67
CA VAL A 74 -4.54 -4.13 17.56
C VAL A 74 -3.65 -3.64 18.71
N LYS A 75 -3.73 -2.34 18.99
CA LYS A 75 -2.84 -1.73 19.96
C LYS A 75 -3.15 -2.11 21.42
N ASP A 76 -4.24 -2.85 21.64
CA ASP A 76 -4.54 -3.35 22.97
C ASP A 76 -4.07 -4.78 23.17
N HIS A 77 -3.43 -5.35 22.14
CA HIS A 77 -2.97 -6.73 22.16
C HIS A 77 -1.47 -6.81 21.92
N THR A 78 -0.79 -7.73 22.61
CA THR A 78 0.62 -7.96 22.34
C THR A 78 0.79 -8.70 21.03
N LEU A 79 1.99 -8.62 20.48
CA LEU A 79 2.31 -9.36 19.28
C LEU A 79 2.13 -10.85 19.50
N ALA A 80 2.54 -11.33 20.68
CA ALA A 80 2.41 -12.75 21.00
C ALA A 80 0.95 -13.19 20.95
N ASP A 81 0.06 -12.38 21.49
CA ASP A 81 -1.34 -12.75 21.44
C ASP A 81 -1.90 -12.67 20.02
N ILE A 82 -1.47 -11.66 19.26
CA ILE A 82 -1.93 -11.55 17.88
C ILE A 82 -1.43 -12.74 17.05
N LYS A 83 -0.27 -13.28 17.39
CA LYS A 83 0.30 -14.41 16.65
C LYS A 83 -0.45 -15.72 16.93
N LYS A 84 -1.34 -15.71 17.92
CA LYS A 84 -2.20 -16.85 18.19
C LYS A 84 -3.41 -16.89 17.26
N LEU A 85 -3.65 -15.80 16.54
CA LEU A 85 -4.86 -15.65 15.74
C LEU A 85 -4.78 -16.27 14.32
N ASP A 86 -5.96 -16.60 13.80
CA ASP A 86 -6.13 -17.08 12.43
C ASP A 86 -6.49 -15.90 11.54
N ALA A 87 -5.61 -15.55 10.60
CA ALA A 87 -5.85 -14.40 9.73
C ALA A 87 -6.23 -14.81 8.31
N GLY A 88 -6.65 -16.07 8.14
CA GLY A 88 -7.01 -16.56 6.82
C GLY A 88 -8.43 -17.07 6.67
N SER A 89 -8.96 -17.69 7.72
CA SER A 89 -10.27 -18.34 7.65
C SER A 89 -11.41 -17.38 7.30
N TRP A 90 -11.30 -16.13 7.74
CA TRP A 90 -12.33 -15.12 7.45
C TRP A 90 -12.58 -15.00 5.95
N PHE A 91 -11.52 -15.19 5.16
CA PHE A 91 -11.59 -15.05 3.71
C PHE A 91 -12.38 -16.20 3.10
N ASN A 92 -12.13 -17.42 3.59
CA ASN A 92 -12.88 -18.58 3.15
C ASN A 92 -14.37 -18.42 3.41
N GLU A 93 -14.70 -17.75 4.51
CA GLU A 93 -16.08 -17.56 4.90
C GLU A 93 -16.76 -16.48 4.06
N ALA A 94 -16.04 -15.39 3.84
CA ALA A 94 -16.57 -14.24 3.11
C ALA A 94 -16.71 -14.54 1.63
N TYR A 95 -15.80 -15.37 1.12
CA TYR A 95 -15.75 -15.68 -0.30
C TYR A 95 -15.63 -17.18 -0.53
N PRO A 96 -16.70 -17.94 -0.22
CA PRO A 96 -16.70 -19.41 -0.29
C PRO A 96 -16.22 -19.96 -1.64
N GLU A 97 -16.47 -19.21 -2.69
CA GLU A 97 -16.14 -19.62 -4.05
C GLU A 97 -14.66 -19.45 -4.33
N LYS A 98 -13.97 -18.70 -3.47
CA LYS A 98 -12.53 -18.48 -3.58
C LYS A 98 -11.77 -19.18 -2.45
N ALA A 99 -12.51 -19.93 -1.62
CA ALA A 99 -11.92 -20.53 -0.44
C ALA A 99 -10.90 -21.60 -0.78
N LYS A 100 -9.86 -21.68 0.04
CA LYS A 100 -8.86 -22.74 -0.06
C LYS A 100 -8.49 -23.26 1.32
N PRO A 101 -8.30 -24.59 1.45
CA PRO A 101 -7.93 -25.18 2.73
C PRO A 101 -6.65 -24.58 3.31
N GLN A 102 -5.70 -24.22 2.45
CA GLN A 102 -4.44 -23.72 2.95
C GLN A 102 -4.52 -22.30 3.51
N TYR A 103 -5.66 -21.65 3.38
CA TYR A 103 -5.83 -20.32 3.96
C TYR A 103 -6.13 -20.40 5.44
N VAL A 104 -6.53 -21.58 5.91
CA VAL A 104 -6.85 -21.76 7.32
C VAL A 104 -5.58 -21.73 8.16
N GLY A 105 -5.47 -20.74 9.04
CA GLY A 105 -4.37 -20.68 9.97
C GLY A 105 -3.23 -19.76 9.54
N LEU A 106 -3.42 -19.04 8.44
CA LEU A 106 -2.46 -18.03 8.04
C LEU A 106 -2.32 -17.01 9.17
N LYS A 107 -1.16 -16.39 9.27
CA LYS A 107 -0.88 -15.52 10.40
C LYS A 107 -0.73 -14.05 10.00
N VAL A 108 -0.99 -13.17 10.95
CA VAL A 108 -0.69 -11.76 10.80
C VAL A 108 0.83 -11.59 10.77
N PRO A 109 1.37 -10.99 9.70
CA PRO A 109 2.82 -10.78 9.66
C PRO A 109 3.21 -9.45 10.29
N THR A 110 4.41 -9.40 10.87
CA THR A 110 4.99 -8.12 11.25
C THR A 110 5.61 -7.46 10.02
N LEU A 111 5.79 -6.15 10.07
CA LEU A 111 6.55 -5.47 9.04
C LEU A 111 7.91 -6.13 8.87
N GLU A 112 8.57 -6.41 10.00
CA GLU A 112 9.88 -7.06 9.96
C GLU A 112 9.84 -8.38 9.20
N GLU A 113 8.80 -9.18 9.42
CA GLU A 113 8.70 -10.45 8.70
C GLU A 113 8.50 -10.28 7.20
N VAL A 114 7.78 -9.25 6.77
CA VAL A 114 7.59 -9.05 5.34
C VAL A 114 8.90 -8.63 4.69
N LEU A 115 9.62 -7.71 5.32
CA LEU A 115 10.91 -7.27 4.81
C LEU A 115 11.92 -8.43 4.80
N ASP A 116 11.86 -9.26 5.83
CA ASP A 116 12.76 -10.41 5.91
C ASP A 116 12.46 -11.43 4.81
N ARG A 117 11.18 -11.58 4.50
CA ARG A 117 10.75 -12.57 3.52
C ARG A 117 11.25 -12.26 2.12
N PHE A 118 11.15 -10.99 1.73
CA PHE A 118 11.39 -10.63 0.34
C PHE A 118 12.70 -9.87 0.13
N GLY A 119 13.21 -9.24 1.19
CA GLY A 119 14.42 -8.45 1.08
C GLY A 119 14.37 -7.50 -0.10
N LYS A 120 15.44 -7.47 -0.89
CA LYS A 120 15.47 -6.55 -2.02
C LYS A 120 14.81 -7.12 -3.28
N HIS A 121 14.16 -8.27 -3.16
CA HIS A 121 13.47 -8.88 -4.29
C HIS A 121 12.06 -8.33 -4.49
N ALA A 122 11.57 -7.56 -3.53
CA ALA A 122 10.29 -6.90 -3.70
C ALA A 122 10.45 -5.40 -3.59
N ASN A 123 9.47 -4.68 -4.11
CA ASN A 123 9.32 -3.25 -3.83
C ASN A 123 8.11 -3.09 -2.93
N TYR A 124 8.22 -2.18 -1.97
CA TYR A 124 7.22 -2.08 -0.91
C TYR A 124 6.49 -0.75 -0.95
N TYR A 125 5.17 -0.81 -0.86
CA TYR A 125 4.31 0.37 -0.89
C TYR A 125 3.61 0.40 0.46
N ILE A 126 4.09 1.22 1.39
CA ILE A 126 3.74 1.01 2.80
C ILE A 126 2.93 2.17 3.38
N GLU A 127 1.73 1.87 3.85
CA GLU A 127 0.86 2.91 4.41
C GLU A 127 0.91 3.00 5.92
N THR A 128 1.03 4.23 6.43
CA THR A 128 0.91 4.49 7.87
C THR A 128 -0.55 4.74 8.15
N LYS A 129 -1.20 3.80 8.85
CA LYS A 129 -2.60 3.94 9.24
C LYS A 129 -2.72 4.62 10.58
N SER A 130 -3.69 5.53 10.70
CA SER A 130 -3.94 6.26 11.94
C SER A 130 -2.68 6.66 12.70
N PRO A 131 -1.69 7.26 12.01
CA PRO A 131 -0.38 7.42 12.66
C PRO A 131 -0.40 8.39 13.84
N ASP A 132 -1.41 9.25 13.92
CA ASP A 132 -1.52 10.15 15.07
C ASP A 132 -1.87 9.37 16.35
N THR A 133 -2.37 8.14 16.19
CA THR A 133 -2.76 7.30 17.33
C THR A 133 -1.62 6.35 17.71
N TYR A 134 -0.57 6.40 16.91
CA TYR A 134 0.55 5.47 17.08
C TYR A 134 1.85 6.22 17.19
N PRO A 135 2.15 6.74 18.38
CA PRO A 135 3.43 7.43 18.59
C PRO A 135 4.61 6.58 18.14
N GLY A 136 5.49 7.19 17.37
CA GLY A 136 6.70 6.53 16.91
C GLY A 136 6.57 5.68 15.66
N MET A 137 5.40 5.69 15.02
CA MET A 137 5.18 4.80 13.88
C MET A 137 6.19 5.05 12.75
N GLU A 138 6.37 6.33 12.39
CA GLU A 138 7.25 6.67 11.29
C GLU A 138 8.71 6.33 11.58
N GLU A 139 9.15 6.60 12.80
CA GLU A 139 10.53 6.29 13.17
C GLU A 139 10.79 4.79 13.18
N LYS A 140 9.84 4.01 13.67
CA LYS A 140 10.00 2.56 13.68
C LYS A 140 10.04 2.03 12.26
N LEU A 141 9.18 2.59 11.41
CA LEU A 141 9.12 2.17 10.01
C LEU A 141 10.46 2.44 9.34
N ILE A 142 10.97 3.65 9.52
CA ILE A 142 12.24 4.02 8.92
C ILE A 142 13.39 3.16 9.48
N ALA A 143 13.42 2.95 10.80
CA ALA A 143 14.42 2.06 11.40
C ALA A 143 14.41 0.66 10.75
N SER A 144 13.23 0.09 10.56
CA SER A 144 13.14 -1.22 9.91
C SER A 144 13.66 -1.17 8.49
N LEU A 145 13.30 -0.15 7.73
CA LEU A 145 13.78 -0.03 6.35
C LEU A 145 15.30 0.12 6.32
N GLN A 146 15.85 0.89 7.25
CA GLN A 146 17.29 1.09 7.29
C GLN A 146 18.03 -0.21 7.57
N LYS A 147 17.55 -0.99 8.52
CA LYS A 147 18.26 -2.20 8.91
C LYS A 147 18.13 -3.30 7.85
N HIS A 148 17.10 -3.21 6.99
CA HIS A 148 16.96 -4.19 5.92
C HIS A 148 17.59 -3.67 4.63
N LYS A 149 18.40 -2.62 4.77
CA LYS A 149 19.20 -2.06 3.68
C LYS A 149 18.34 -1.55 2.52
N LEU A 150 17.14 -1.09 2.82
CA LEU A 150 16.24 -0.62 1.78
C LEU A 150 16.35 0.90 1.67
N LEU A 151 16.98 1.50 2.67
CA LEU A 151 17.36 2.91 2.62
C LEU A 151 18.87 3.02 2.48
N GLY A 152 19.36 4.25 2.46
CA GLY A 152 20.73 4.52 2.08
C GLY A 152 20.67 5.21 0.74
N LYS A 153 21.80 5.70 0.25
CA LYS A 153 21.79 6.45 -1.00
C LYS A 153 22.44 5.67 -2.15
N HIS A 154 22.59 4.37 -1.93
CA HIS A 154 22.90 3.45 -3.02
C HIS A 154 21.76 2.45 -3.12
N SER A 155 20.72 2.71 -2.34
CA SER A 155 19.48 1.96 -2.42
C SER A 155 18.82 2.24 -3.76
N LYS A 156 17.95 1.35 -4.20
CA LYS A 156 17.24 1.54 -5.46
C LYS A 156 16.13 2.56 -5.26
N PRO A 157 16.16 3.66 -6.04
CA PRO A 157 15.12 4.69 -5.96
C PRO A 157 13.74 4.08 -6.23
N GLY A 158 12.83 4.24 -5.28
CA GLY A 158 11.49 3.71 -5.44
C GLY A 158 11.30 2.32 -4.88
N GLN A 159 12.36 1.69 -4.37
CA GLN A 159 12.21 0.34 -3.81
C GLN A 159 11.22 0.34 -2.65
N VAL A 160 11.11 1.48 -1.99
CA VAL A 160 10.07 1.67 -0.99
C VAL A 160 9.38 3.02 -1.23
N ILE A 161 8.06 2.99 -1.24
CA ILE A 161 7.26 4.21 -1.25
C ILE A 161 6.41 4.23 0.00
N ILE A 162 6.39 5.36 0.71
CA ILE A 162 5.56 5.48 1.90
C ILE A 162 4.33 6.28 1.53
N GLN A 163 3.17 5.83 1.99
CA GLN A 163 1.91 6.46 1.62
C GLN A 163 1.07 6.66 2.87
N SER A 164 0.14 7.61 2.83
CA SER A 164 -0.75 7.82 3.96
C SER A 164 -1.85 8.79 3.55
N PHE A 165 -2.99 8.67 4.22
CA PHE A 165 -3.98 9.74 4.19
C PHE A 165 -3.54 10.93 5.04
N SER A 166 -2.67 10.66 6.02
CA SER A 166 -2.18 11.71 6.91
C SER A 166 -1.06 12.50 6.27
N LYS A 167 -1.33 13.77 5.95
CA LYS A 167 -0.29 14.65 5.44
C LYS A 167 0.84 14.83 6.44
N GLU A 168 0.48 14.90 7.72
CA GLU A 168 1.43 15.05 8.82
C GLU A 168 2.45 13.92 8.84
N SER A 169 1.96 12.70 8.66
CA SER A 169 2.80 11.52 8.62
C SER A 169 3.84 11.62 7.51
N LEU A 170 3.39 12.02 6.32
CA LEU A 170 4.26 12.11 5.17
C LEU A 170 5.24 13.29 5.25
N VAL A 171 4.80 14.42 5.78
CA VAL A 171 5.73 15.53 5.99
C VAL A 171 6.83 15.11 6.98
N LYS A 172 6.44 14.37 8.01
CA LYS A 172 7.39 13.85 8.99
C LYS A 172 8.42 12.92 8.32
N VAL A 173 7.93 12.00 7.51
CA VAL A 173 8.82 11.08 6.80
C VAL A 173 9.78 11.85 5.90
N HIS A 174 9.24 12.85 5.19
CA HIS A 174 10.04 13.64 4.26
C HIS A 174 11.12 14.45 4.99
N GLN A 175 10.80 14.95 6.18
CA GLN A 175 11.77 15.67 6.98
C GLN A 175 12.86 14.74 7.51
N LEU A 176 12.47 13.53 7.93
CA LEU A 176 13.44 12.58 8.46
C LEU A 176 14.29 11.93 7.36
N GLN A 177 13.66 11.60 6.24
CA GLN A 177 14.33 10.94 5.12
C GLN A 177 13.93 11.59 3.79
N PRO A 178 14.62 12.67 3.42
CA PRO A 178 14.29 13.47 2.23
C PRO A 178 14.22 12.67 0.93
N ASN A 179 15.00 11.60 0.83
CA ASN A 179 15.03 10.82 -0.41
C ASN A 179 14.06 9.64 -0.42
N LEU A 180 13.27 9.51 0.64
CA LEU A 180 12.27 8.45 0.73
C LEU A 180 10.97 8.94 0.09
N PRO A 181 10.64 8.42 -1.10
CA PRO A 181 9.47 8.95 -1.83
C PRO A 181 8.16 8.67 -1.11
N THR A 182 7.29 9.68 -1.07
CA THR A 182 5.99 9.48 -0.46
C THR A 182 4.89 9.77 -1.46
N VAL A 183 3.72 9.20 -1.19
CA VAL A 183 2.54 9.42 -2.02
C VAL A 183 1.37 9.78 -1.10
N GLN A 184 0.77 10.93 -1.39
CA GLN A 184 -0.36 11.42 -0.62
C GLN A 184 -1.67 10.75 -1.07
N LEU A 185 -2.32 10.04 -0.15
CA LEU A 185 -3.60 9.42 -0.44
C LEU A 185 -4.74 10.41 -0.25
N LEU A 186 -5.74 10.28 -1.11
CA LEU A 186 -6.85 11.23 -1.16
C LEU A 186 -8.18 10.50 -1.29
N GLU A 187 -9.16 10.85 -0.46
CA GLU A 187 -10.52 10.36 -0.61
C GLU A 187 -11.22 11.06 -1.76
N ALA A 188 -12.31 10.46 -2.23
CA ALA A 188 -13.08 11.03 -3.33
C ALA A 188 -13.49 12.47 -3.05
N LYS A 189 -13.92 12.73 -1.81
CA LYS A 189 -14.37 14.07 -1.44
C LYS A 189 -13.24 15.10 -1.53
N GLN A 190 -12.03 14.71 -1.15
CA GLN A 190 -10.88 15.60 -1.32
C GLN A 190 -10.54 15.84 -2.80
N MET A 191 -10.52 14.75 -3.57
CA MET A 191 -10.08 14.81 -4.96
C MET A 191 -11.07 15.60 -5.81
N ALA A 192 -12.33 15.59 -5.40
CA ALA A 192 -13.38 16.26 -6.15
C ALA A 192 -13.25 17.77 -6.08
N SER A 193 -12.66 18.27 -4.99
CA SER A 193 -12.48 19.70 -4.82
C SER A 193 -11.00 20.12 -4.89
N MET A 194 -10.21 19.32 -5.59
CA MET A 194 -8.77 19.57 -5.72
C MET A 194 -8.49 20.91 -6.42
N THR A 195 -7.47 21.61 -5.92
CA THR A 195 -6.99 22.85 -6.53
C THR A 195 -5.52 22.72 -6.93
N ASP A 196 -5.05 23.59 -7.80
CA ASP A 196 -3.64 23.61 -8.15
C ASP A 196 -2.79 23.92 -6.92
N ALA A 197 -3.28 24.82 -6.07
CA ALA A 197 -2.56 25.19 -4.85
C ALA A 197 -2.35 23.98 -3.96
N ALA A 198 -3.40 23.16 -3.83
CA ALA A 198 -3.31 21.96 -3.00
C ALA A 198 -2.31 20.96 -3.57
N LEU A 199 -2.30 20.83 -4.88
CA LEU A 199 -1.37 19.89 -5.53
C LEU A 199 0.09 20.35 -5.42
N GLU A 200 0.31 21.66 -5.57
CA GLU A 200 1.65 22.21 -5.38
C GLU A 200 2.15 21.94 -3.97
N GLU A 201 1.24 22.06 -2.99
CA GLU A 201 1.58 21.77 -1.61
C GLU A 201 1.99 20.30 -1.44
N ILE A 202 1.19 19.40 -2.02
CA ILE A 202 1.49 17.97 -1.95
C ILE A 202 2.86 17.68 -2.55
N LYS A 203 3.15 18.36 -3.66
CA LYS A 203 4.38 18.17 -4.41
C LYS A 203 5.63 18.53 -3.60
N THR A 204 5.46 19.32 -2.54
CA THR A 204 6.61 19.72 -1.72
C THR A 204 7.15 18.56 -0.87
N TYR A 205 6.34 17.54 -0.61
CA TYR A 205 6.80 16.41 0.20
C TYR A 205 6.57 15.05 -0.45
N ALA A 206 5.69 15.00 -1.45
CA ALA A 206 5.32 13.73 -2.08
C ALA A 206 5.69 13.71 -3.55
N VAL A 207 5.91 12.52 -4.09
CA VAL A 207 6.22 12.38 -5.52
C VAL A 207 4.98 12.02 -6.31
N GLY A 208 3.88 11.76 -5.63
CA GLY A 208 2.66 11.41 -6.33
C GLY A 208 1.42 11.50 -5.47
N ALA A 209 0.27 11.30 -6.11
CA ALA A 209 -1.02 11.27 -5.43
C ALA A 209 -1.71 9.93 -5.66
N GLY A 210 -2.46 9.49 -4.65
CA GLY A 210 -3.21 8.25 -4.72
C GLY A 210 -4.66 8.50 -4.36
N PRO A 211 -5.47 8.91 -5.35
CA PRO A 211 -6.89 9.18 -5.10
C PRO A 211 -7.81 8.00 -5.34
N ASP A 212 -8.95 8.02 -4.67
CA ASP A 212 -10.06 7.15 -4.99
C ASP A 212 -10.36 7.32 -6.49
N TYR A 213 -10.24 6.25 -7.26
CA TYR A 213 -10.33 6.38 -8.72
C TYR A 213 -11.69 6.86 -9.21
N LYS A 214 -12.73 6.73 -8.39
CA LYS A 214 -14.04 7.16 -8.81
C LYS A 214 -14.15 8.67 -8.89
N ALA A 215 -13.20 9.39 -8.30
CA ALA A 215 -13.22 10.85 -8.36
C ALA A 215 -12.46 11.40 -9.57
N LEU A 216 -11.88 10.49 -10.36
CA LEU A 216 -11.05 10.89 -11.49
C LEU A 216 -11.84 11.05 -12.78
N ASN A 217 -11.39 11.99 -13.61
CA ASN A 217 -11.89 12.16 -14.97
C ASN A 217 -10.70 12.60 -15.82
N GLN A 218 -10.88 12.75 -17.13
CA GLN A 218 -9.73 13.08 -17.98
C GLN A 218 -9.07 14.39 -17.55
N GLU A 219 -9.89 15.36 -17.18
CA GLU A 219 -9.40 16.69 -16.84
C GLU A 219 -8.55 16.71 -15.57
N ASN A 220 -8.98 16.03 -14.51
CA ASN A 220 -8.18 16.14 -13.28
C ASN A 220 -7.04 15.13 -13.26
N VAL A 221 -7.09 14.13 -14.13
CA VAL A 221 -5.91 13.31 -14.35
C VAL A 221 -4.83 14.18 -15.00
N ARG A 222 -5.22 14.95 -16.02
CA ARG A 222 -4.32 15.88 -16.68
C ARG A 222 -3.80 16.90 -15.67
N MET A 223 -4.69 17.39 -14.82
CA MET A 223 -4.30 18.35 -13.79
C MET A 223 -3.19 17.81 -12.87
N ILE A 224 -3.38 16.60 -12.36
CA ILE A 224 -2.42 16.01 -11.44
C ILE A 224 -1.08 15.80 -12.13
N ARG A 225 -1.12 15.27 -13.34
CA ARG A 225 0.09 14.98 -14.09
C ARG A 225 0.84 16.26 -14.47
N SER A 226 0.12 17.36 -14.68
CA SER A 226 0.75 18.61 -15.10
C SER A 226 1.64 19.17 -13.99
N HIS A 227 1.41 18.72 -12.77
CA HIS A 227 2.24 19.12 -11.63
C HIS A 227 3.49 18.25 -11.50
N GLY A 228 3.61 17.25 -12.37
CA GLY A 228 4.74 16.35 -12.32
C GLY A 228 4.58 15.26 -11.27
N LEU A 229 3.36 15.04 -10.83
CA LEU A 229 3.06 14.01 -9.84
C LEU A 229 2.77 12.67 -10.49
N LEU A 230 3.28 11.59 -9.90
CA LEU A 230 2.81 10.25 -10.23
C LEU A 230 1.36 10.15 -9.79
N LEU A 231 0.62 9.24 -10.42
CA LEU A 231 -0.81 9.14 -10.15
C LEU A 231 -1.22 7.69 -10.06
N HIS A 232 -1.52 7.26 -8.84
CA HIS A 232 -1.82 5.86 -8.52
C HIS A 232 -3.18 5.74 -7.87
N PRO A 233 -4.24 5.64 -8.67
CA PRO A 233 -5.57 5.57 -8.04
C PRO A 233 -5.83 4.20 -7.42
N TYR A 234 -6.70 4.17 -6.41
CA TYR A 234 -7.11 2.95 -5.72
C TYR A 234 -8.64 2.88 -5.72
N THR A 235 -9.23 1.71 -5.55
CA THR A 235 -8.64 0.39 -5.80
C THR A 235 -9.34 -0.13 -7.05
N VAL A 236 -8.57 -0.44 -8.08
CA VAL A 236 -9.11 -0.67 -9.41
C VAL A 236 -9.14 -2.17 -9.72
N ASN A 237 -10.33 -2.75 -9.75
CA ASN A 237 -10.46 -4.20 -9.84
C ASN A 237 -11.09 -4.73 -11.13
N ASN A 238 -11.67 -3.88 -11.95
CA ASN A 238 -12.18 -4.44 -13.20
C ASN A 238 -11.40 -3.91 -14.40
N GLU A 239 -11.28 -4.75 -15.41
CA GLU A 239 -10.40 -4.47 -16.54
C GLU A 239 -10.78 -3.20 -17.32
N ALA A 240 -12.07 -2.96 -17.51
CA ALA A 240 -12.50 -1.79 -18.28
C ALA A 240 -12.00 -0.50 -17.63
N ASP A 241 -12.03 -0.44 -16.30
CA ASP A 241 -11.58 0.75 -15.60
C ASP A 241 -10.07 0.89 -15.67
N MET A 242 -9.37 -0.23 -15.69
CA MET A 242 -7.92 -0.20 -15.86
C MET A 242 -7.56 0.46 -17.19
N HIS A 243 -8.26 0.05 -18.25
CA HIS A 243 -8.03 0.62 -19.57
C HIS A 243 -8.33 2.12 -19.58
N ARG A 244 -9.49 2.49 -19.06
CA ARG A 244 -9.93 3.88 -19.06
C ARG A 244 -8.93 4.78 -18.33
N LEU A 245 -8.49 4.34 -17.16
CA LEU A 245 -7.56 5.14 -16.38
C LEU A 245 -6.21 5.28 -17.08
N LEU A 246 -5.72 4.19 -17.68
CA LEU A 246 -4.44 4.25 -18.38
C LEU A 246 -4.55 5.14 -19.62
N ASP A 247 -5.69 5.06 -20.29
CA ASP A 247 -5.93 5.88 -21.46
C ASP A 247 -5.90 7.35 -21.07
N TRP A 248 -6.51 7.67 -19.92
CA TRP A 248 -6.50 9.04 -19.43
C TRP A 248 -5.10 9.49 -19.02
N GLY A 249 -4.28 8.56 -18.55
CA GLY A 249 -2.91 8.87 -18.24
C GLY A 249 -2.43 8.69 -16.81
N VAL A 250 -3.10 7.85 -16.02
CA VAL A 250 -2.56 7.52 -14.70
C VAL A 250 -1.28 6.71 -14.89
N THR A 251 -0.46 6.62 -13.85
CA THR A 251 0.86 6.00 -14.01
C THR A 251 0.96 4.70 -13.23
N GLY A 252 -0.17 4.20 -12.75
CA GLY A 252 -0.21 2.92 -12.06
C GLY A 252 -1.53 2.81 -11.34
N VAL A 253 -1.81 1.65 -10.75
CA VAL A 253 -3.01 1.50 -9.90
C VAL A 253 -2.72 0.61 -8.71
N PHE A 254 -3.50 0.80 -7.65
CA PHE A 254 -3.66 -0.22 -6.61
C PHE A 254 -4.74 -1.16 -7.07
N THR A 255 -4.46 -2.46 -7.09
CA THR A 255 -5.45 -3.42 -7.55
C THR A 255 -5.38 -4.72 -6.75
N ASN A 256 -6.54 -5.36 -6.57
CA ASN A 256 -6.58 -6.68 -5.94
C ASN A 256 -6.21 -7.79 -6.91
N TYR A 257 -6.10 -7.45 -8.19
CA TYR A 257 -5.87 -8.42 -9.27
C TYR A 257 -4.62 -8.02 -10.06
N PRO A 258 -3.44 -8.15 -9.45
CA PRO A 258 -2.24 -7.67 -10.12
C PRO A 258 -1.95 -8.39 -11.43
N ASP A 259 -2.33 -9.65 -11.54
CA ASP A 259 -2.16 -10.39 -12.80
C ASP A 259 -2.95 -9.75 -13.94
N LEU A 260 -4.16 -9.31 -13.62
CA LEU A 260 -5.03 -8.70 -14.63
C LEU A 260 -4.46 -7.35 -15.06
N PHE A 261 -4.01 -6.53 -14.11
CA PHE A 261 -3.45 -5.23 -14.47
C PHE A 261 -2.13 -5.40 -15.25
N HIS A 262 -1.31 -6.37 -14.88
CA HIS A 262 -0.07 -6.62 -15.61
C HIS A 262 -0.35 -6.84 -17.10
N LYS A 263 -1.39 -7.61 -17.37
CA LYS A 263 -1.79 -7.88 -18.74
C LYS A 263 -2.27 -6.60 -19.44
N VAL A 264 -3.12 -5.85 -18.76
CA VAL A 264 -3.69 -4.65 -19.37
C VAL A 264 -2.62 -3.61 -19.71
N LYS A 265 -1.68 -3.41 -18.78
CA LYS A 265 -0.76 -2.28 -18.88
C LYS A 265 0.25 -2.45 -20.02
N LYS A 266 0.42 -3.67 -20.50
CA LYS A 266 1.36 -3.92 -21.60
C LYS A 266 0.94 -3.19 -22.88
N GLY A 267 -0.31 -2.73 -22.91
CA GLY A 267 -0.84 -2.06 -24.09
C GLY A 267 -0.74 -0.55 -24.01
N TYR A 268 -0.02 -0.04 -23.02
CA TYR A 268 0.09 1.38 -22.77
C TYR A 268 1.53 1.82 -22.47
#